data_8JBZ
#
_entry.id   8JBZ
#
_cell.length_a   120.108
_cell.length_b   120.108
_cell.length_c   117.242
_cell.angle_alpha   90.000
_cell.angle_beta   90.000
_cell.angle_gamma   120.000
#
_symmetry.space_group_name_H-M   'P 31 1 2'
#
loop_
_entity.id
_entity.type
_entity.pdbx_description
1 polymer '3-ketosteroid dehydrogenase'
2 non-polymer 'FLAVIN-ADENINE DINUCLEOTIDE'
3 non-polymer 4-ANDROSTENE-3-17-DIONE
4 water water
#
_entity_poly.entity_id   1
_entity_poly.type   'polypeptide(L)'
_entity_poly.pdbx_seq_one_letter_code
;MGSSSHHHHHHGSDWTSECDVLVVGSGGGALTGAYTAAAQGLTTIVLEKTDRFGGTSAYSGASIWLPGTQVQERAGLPDS
TENARTYLRALLGDAESERQDAYVETAPAVVALLEQNPNIEFEFRAFPDYYKAEGRMDTGRSINPLDLDPADIGDLAGKV
RPELDQDRTGQDHAPGPMIGGRALIGRLLAAVQSTGKAELRTESVLTSLIVEDGRVVGAEVESGGETQRIKANRGVLMAA
GGIEGNAEMREQAGTPGKAIWSMGPFGANTGDAISAGIAVGGATALLDQAWFCPGVEQPDGSAAFMVGVRGGLVVDSAGE
RYLNESLPYDQFGRAMDAHDDNGSAVPSFMIFDSREGGGLPAICIPNTAPAKHLEAGTWVGADTLEELAAKTGLPADALR
STVEKFNDAAKLGVDEEFHRGEDPYDAFFCPPNGGANAALTAIENGPFYAARIVLSDLGTKGGLVTDVNGRVLRADGSAI
DGLYAAGNTSASLSGRFYPGPGVPLGTAMVFSYRAAQDMAK
;
_entity_poly.pdbx_strand_id   AAA
#
# COMPACT_ATOMS: atom_id res chain seq x y z
N MET A 1 1.59 -26.41 -9.32
CA MET A 1 0.88 -25.76 -8.19
C MET A 1 -0.55 -26.29 -8.11
N GLY A 2 -1.29 -26.31 -9.21
CA GLY A 2 -2.72 -26.76 -9.22
C GLY A 2 -2.84 -28.22 -8.75
N SER A 3 -3.60 -28.59 -7.70
CA SER A 3 -3.80 -30.02 -7.25
C SER A 3 -5.20 -30.51 -7.66
N SER A 4 -5.34 -31.68 -8.33
CA SER A 4 -6.67 -32.27 -8.70
C SER A 4 -7.13 -33.14 -7.52
N SER A 5 -8.41 -33.04 -7.14
CA SER A 5 -8.98 -33.79 -6.00
C SER A 5 -8.85 -35.29 -6.26
N HIS A 6 -9.09 -35.72 -7.50
CA HIS A 6 -8.98 -37.16 -7.85
C HIS A 6 -7.55 -37.65 -7.62
N HIS A 7 -6.57 -36.82 -7.97
CA HIS A 7 -5.15 -37.15 -7.76
C HIS A 7 -4.88 -37.29 -6.26
N HIS A 8 -5.41 -36.38 -5.44
CA HIS A 8 -5.21 -36.46 -3.97
C HIS A 8 -5.83 -37.75 -3.44
N HIS A 9 -7.06 -38.04 -3.83
CA HIS A 9 -7.75 -39.28 -3.39
C HIS A 9 -6.88 -40.48 -3.80
N HIS A 10 -6.43 -40.51 -5.07
CA HIS A 10 -5.58 -41.60 -5.61
C HIS A 10 -4.32 -41.82 -4.76
N HIS A 11 -3.66 -40.74 -4.31
CA HIS A 11 -2.43 -40.81 -3.47
C HIS A 11 -2.76 -41.32 -2.07
N GLY A 12 -4.04 -41.34 -1.70
CA GLY A 12 -4.44 -41.79 -0.36
C GLY A 12 -4.64 -40.62 0.59
N SER A 13 -4.73 -39.41 0.06
CA SER A 13 -4.92 -38.19 0.89
C SER A 13 -6.41 -37.86 1.01
N ASP A 14 -6.77 -37.09 2.03
CA ASP A 14 -8.15 -36.61 2.27
C ASP A 14 -8.08 -35.22 2.93
N TRP A 15 -9.23 -34.58 3.14
CA TRP A 15 -9.36 -33.26 3.83
C TRP A 15 -8.91 -33.41 5.28
N THR A 16 -7.94 -32.62 5.74
CA THR A 16 -7.63 -32.41 7.16
C THR A 16 -8.85 -31.77 7.85
N SER A 17 -9.39 -30.70 7.30
CA SER A 17 -10.51 -29.95 7.93
C SER A 17 -11.34 -29.25 6.86
N GLU A 18 -12.45 -28.70 7.29
CA GLU A 18 -13.50 -28.14 6.43
C GLU A 18 -13.85 -26.75 6.96
N CYS A 19 -14.14 -25.79 6.10
CA CYS A 19 -14.81 -24.53 6.51
C CYS A 19 -15.73 -24.11 5.37
N ASP A 20 -16.53 -23.08 5.58
CA ASP A 20 -17.35 -22.52 4.49
C ASP A 20 -16.48 -21.57 3.68
N VAL A 21 -15.75 -20.68 4.37
CA VAL A 21 -14.94 -19.62 3.72
C VAL A 21 -13.50 -19.78 4.17
N LEU A 22 -12.61 -19.94 3.20
CA LEU A 22 -11.17 -20.00 3.49
C LEU A 22 -10.56 -18.68 3.03
N VAL A 23 -9.94 -17.94 3.95
CA VAL A 23 -9.31 -16.63 3.61
C VAL A 23 -7.81 -16.82 3.72
N VAL A 24 -7.11 -16.52 2.63
CA VAL A 24 -5.62 -16.50 2.58
C VAL A 24 -5.15 -15.06 2.69
N GLY A 25 -4.32 -14.81 3.68
CA GLY A 25 -3.84 -13.48 4.04
C GLY A 25 -4.59 -12.90 5.22
N SER A 26 -4.11 -11.76 5.69
CA SER A 26 -4.64 -11.11 6.92
C SER A 26 -4.38 -9.61 6.96
N GLY A 27 -4.25 -8.97 5.79
CA GLY A 27 -4.38 -7.50 5.74
C GLY A 27 -5.83 -7.03 5.91
N GLY A 28 -6.05 -5.73 5.69
CA GLY A 28 -7.38 -5.13 5.89
C GLY A 28 -8.44 -5.82 5.09
N GLY A 29 -8.17 -6.05 3.81
CA GLY A 29 -9.08 -6.77 2.92
C GLY A 29 -9.40 -8.16 3.45
N ALA A 30 -8.40 -9.02 3.62
CA ALA A 30 -8.63 -10.41 4.10
C ALA A 30 -9.54 -10.36 5.34
N LEU A 31 -9.24 -9.54 6.34
CA LEU A 31 -9.96 -9.63 7.64
C LEU A 31 -11.37 -9.06 7.47
N THR A 32 -11.55 -8.13 6.54
CA THR A 32 -12.88 -7.55 6.22
C THR A 32 -13.73 -8.65 5.59
N GLY A 33 -13.15 -9.39 4.64
CA GLY A 33 -13.83 -10.55 4.03
C GLY A 33 -14.15 -11.62 5.07
N ALA A 34 -13.18 -11.94 5.93
CA ALA A 34 -13.32 -12.91 7.05
C ALA A 34 -14.51 -12.50 7.92
N TYR A 35 -14.51 -11.22 8.34
CA TYR A 35 -15.58 -10.69 9.21
C TYR A 35 -16.93 -10.82 8.50
N THR A 36 -16.99 -10.39 7.25
CA THR A 36 -18.26 -10.38 6.49
C THR A 36 -18.80 -11.82 6.50
N ALA A 37 -17.95 -12.82 6.27
CA ALA A 37 -18.41 -14.22 6.14
C ALA A 37 -18.88 -14.74 7.50
N ALA A 38 -18.03 -14.56 8.50
CA ALA A 38 -18.22 -15.15 9.83
C ALA A 38 -19.38 -14.46 10.57
N ALA A 39 -19.62 -13.17 10.33
CA ALA A 39 -20.64 -12.42 11.09
C ALA A 39 -22.02 -12.87 10.63
N GLN A 40 -22.16 -13.37 9.41
CA GLN A 40 -23.46 -13.91 8.95
C GLN A 40 -23.47 -15.45 9.07
N GLY A 41 -22.61 -16.06 9.89
CA GLY A 41 -22.74 -17.45 10.34
C GLY A 41 -22.01 -18.44 9.45
N LEU A 42 -21.13 -18.02 8.55
CA LEU A 42 -20.28 -18.95 7.77
C LEU A 42 -18.98 -19.27 8.54
N THR A 43 -18.68 -20.55 8.75
CA THR A 43 -17.43 -21.01 9.41
C THR A 43 -16.27 -20.53 8.54
N THR A 44 -15.33 -19.81 9.13
CA THR A 44 -14.28 -19.09 8.37
C THR A 44 -12.94 -19.49 8.97
N ILE A 45 -11.96 -19.76 8.11
CA ILE A 45 -10.55 -19.91 8.53
C ILE A 45 -9.74 -18.82 7.81
N VAL A 46 -8.89 -18.14 8.55
CA VAL A 46 -7.88 -17.16 8.05
C VAL A 46 -6.49 -17.79 8.21
N LEU A 47 -5.73 -17.78 7.12
CA LEU A 47 -4.34 -18.26 6.99
C LEU A 47 -3.43 -17.06 6.81
N GLU A 48 -2.59 -16.78 7.79
CA GLU A 48 -1.49 -15.81 7.68
C GLU A 48 -0.20 -16.61 7.55
N LYS A 49 0.54 -16.33 6.50
CA LYS A 49 1.83 -16.99 6.19
C LYS A 49 2.86 -16.70 7.28
N THR A 50 2.93 -15.49 7.82
CA THR A 50 4.01 -15.18 8.79
C THR A 50 3.50 -15.39 10.21
N ASP A 51 4.33 -15.04 11.17
CA ASP A 51 3.99 -15.14 12.61
C ASP A 51 3.23 -13.90 13.04
N ARG A 52 2.96 -12.94 12.15
CA ARG A 52 2.22 -11.72 12.57
C ARG A 52 1.10 -11.45 11.58
N PHE A 53 -0.09 -11.12 12.06
CA PHE A 53 -1.20 -10.69 11.18
C PHE A 53 -0.95 -9.27 10.66
N GLY A 54 -1.47 -8.96 9.46
CA GLY A 54 -1.66 -7.57 9.03
C GLY A 54 -0.88 -7.22 7.79
N GLY A 55 0.29 -7.83 7.59
CA GLY A 55 1.17 -7.52 6.44
C GLY A 55 1.41 -6.04 6.28
N THR A 56 1.37 -5.56 5.04
CA THR A 56 1.59 -4.11 4.74
C THR A 56 0.45 -3.29 5.34
N SER A 57 -0.77 -3.85 5.39
CA SER A 57 -1.92 -3.17 6.02
C SER A 57 -1.57 -2.73 7.46
N ALA A 58 -0.83 -3.55 8.22
CA ALA A 58 -0.39 -3.17 9.59
C ALA A 58 0.60 -2.01 9.53
N TYR A 59 1.49 -1.97 8.54
CA TYR A 59 2.47 -0.88 8.40
C TYR A 59 1.78 0.45 8.10
N SER A 60 0.54 0.40 7.60
CA SER A 60 -0.10 1.54 6.89
C SER A 60 -0.46 2.65 7.89
N GLY A 61 -0.85 3.80 7.38
CA GLY A 61 -1.48 4.85 8.20
C GLY A 61 -2.96 4.56 8.41
N ALA A 62 -3.48 3.47 7.81
CA ALA A 62 -4.91 3.07 7.91
C ALA A 62 -5.84 4.23 7.53
N SER A 63 -5.43 5.10 6.61
CA SER A 63 -6.31 5.97 5.81
C SER A 63 -7.07 5.10 4.79
N ILE A 64 -8.39 5.22 4.72
CA ILE A 64 -9.23 4.32 3.89
C ILE A 64 -10.20 5.16 3.06
N TRP A 65 -10.14 5.01 1.75
CA TRP A 65 -10.98 5.70 0.75
C TRP A 65 -12.27 4.90 0.55
N LEU A 66 -13.19 5.12 1.47
CA LEU A 66 -14.56 4.57 1.48
C LEU A 66 -15.47 5.78 1.60
N PRO A 67 -15.80 6.42 0.48
CA PRO A 67 -16.50 7.71 0.51
C PRO A 67 -18.01 7.52 0.72
N GLY A 68 -18.62 8.59 1.23
CA GLY A 68 -20.07 8.77 1.22
C GLY A 68 -20.76 7.89 2.21
N THR A 69 -20.12 7.59 3.35
CA THR A 69 -20.65 6.66 4.35
C THR A 69 -21.16 7.43 5.57
N GLN A 70 -21.67 6.70 6.54
CA GLN A 70 -22.16 7.29 7.81
C GLN A 70 -21.00 7.98 8.52
N VAL A 71 -19.75 7.60 8.28
CA VAL A 71 -18.62 8.22 9.04
C VAL A 71 -18.41 9.68 8.58
N GLN A 72 -18.37 9.91 7.27
CA GLN A 72 -18.26 11.27 6.69
C GLN A 72 -19.53 12.09 7.03
N GLU A 73 -20.73 11.47 7.06
CA GLU A 73 -21.96 12.19 7.47
C GLU A 73 -21.79 12.70 8.90
N ARG A 74 -21.22 11.93 9.84
CA ARG A 74 -20.97 12.44 11.23
C ARG A 74 -20.07 13.68 11.18
N ALA A 75 -19.12 13.75 10.26
CA ALA A 75 -18.20 14.92 10.19
C ALA A 75 -18.85 16.09 9.40
N GLY A 76 -20.04 15.91 8.82
CA GLY A 76 -20.73 16.87 7.94
C GLY A 76 -19.98 17.15 6.63
N LEU A 77 -19.30 16.18 6.03
CA LEU A 77 -18.41 16.50 4.89
C LEU A 77 -19.25 16.91 3.69
N PRO A 78 -18.87 17.96 2.92
CA PRO A 78 -19.54 18.24 1.65
C PRO A 78 -19.11 17.22 0.57
N ASP A 79 -19.67 16.01 0.61
CA ASP A 79 -19.27 14.93 -0.33
C ASP A 79 -20.38 13.90 -0.41
N SER A 80 -20.29 12.99 -1.33
CA SER A 80 -21.36 12.03 -1.67
C SER A 80 -20.78 10.91 -2.54
N THR A 81 -21.55 9.82 -2.64
CA THR A 81 -21.27 8.64 -3.48
C THR A 81 -21.06 9.18 -4.91
N GLU A 82 -21.96 10.05 -5.40
CA GLU A 82 -21.90 10.52 -6.80
C GLU A 82 -20.69 11.43 -7.03
N ASN A 83 -20.36 12.26 -6.05
CA ASN A 83 -19.17 13.15 -6.13
C ASN A 83 -17.89 12.31 -6.26
N ALA A 84 -17.75 11.24 -5.46
CA ALA A 84 -16.60 10.30 -5.50
C ALA A 84 -16.59 9.55 -6.85
N ARG A 85 -17.77 9.11 -7.32
CA ARG A 85 -17.86 8.46 -8.65
C ARG A 85 -17.32 9.43 -9.72
N THR A 86 -17.65 10.73 -9.64
CA THR A 86 -17.21 11.71 -10.67
C THR A 86 -15.68 11.79 -10.65
N TYR A 87 -15.08 11.73 -9.46
CA TYR A 87 -13.62 11.92 -9.31
C TYR A 87 -12.93 10.72 -9.95
N LEU A 88 -13.43 9.51 -9.68
CA LEU A 88 -12.82 8.29 -10.28
C LEU A 88 -13.04 8.31 -11.81
N ARG A 89 -14.25 8.60 -12.29
CA ARG A 89 -14.49 8.60 -13.77
C ARG A 89 -13.56 9.61 -14.43
N ALA A 90 -13.36 10.78 -13.83
CA ALA A 90 -12.53 11.84 -14.42
C ALA A 90 -11.06 11.37 -14.50
N LEU A 91 -10.57 10.60 -13.53
CA LEU A 91 -9.15 10.18 -13.52
C LEU A 91 -8.94 8.94 -14.39
N LEU A 92 -9.82 7.96 -14.27
CA LEU A 92 -9.55 6.54 -14.70
C LEU A 92 -10.17 6.30 -16.08
N GLY A 93 -11.14 7.11 -16.46
CA GLY A 93 -11.96 6.86 -17.67
C GLY A 93 -12.87 5.68 -17.48
N ASP A 94 -13.39 5.16 -18.60
CA ASP A 94 -14.44 4.11 -18.69
C ASP A 94 -13.87 2.70 -18.45
N ALA A 95 -12.55 2.53 -18.53
CA ALA A 95 -11.81 1.30 -18.17
C ALA A 95 -12.15 0.96 -16.70
N GLU A 96 -12.87 -0.13 -16.55
CA GLU A 96 -13.27 -0.73 -15.25
C GLU A 96 -14.38 0.11 -14.63
N SER A 97 -15.22 0.76 -15.44
CA SER A 97 -16.36 1.57 -14.92
C SER A 97 -17.24 0.73 -13.98
N GLU A 98 -17.43 -0.55 -14.27
CA GLU A 98 -18.34 -1.40 -13.44
C GLU A 98 -17.76 -1.57 -12.04
N ARG A 99 -16.44 -1.77 -11.95
CA ARG A 99 -15.74 -1.96 -10.65
C ARG A 99 -15.63 -0.61 -9.93
N GLN A 100 -15.43 0.49 -10.66
CA GLN A 100 -15.52 1.85 -10.08
C GLN A 100 -16.87 2.01 -9.40
N ASP A 101 -17.94 1.73 -10.15
CA ASP A 101 -19.31 1.85 -9.61
C ASP A 101 -19.47 1.00 -8.34
N ALA A 102 -19.10 -0.30 -8.36
CA ALA A 102 -19.30 -1.20 -7.20
C ALA A 102 -18.47 -0.70 -6.00
N TYR A 103 -17.26 -0.16 -6.24
CA TYR A 103 -16.38 0.38 -5.16
C TYR A 103 -17.12 1.48 -4.39
N VAL A 104 -17.53 2.55 -5.06
CA VAL A 104 -18.15 3.74 -4.39
C VAL A 104 -19.54 3.36 -3.87
N GLU A 105 -20.29 2.54 -4.62
CA GLU A 105 -21.68 2.19 -4.23
C GLU A 105 -21.67 1.26 -3.03
N THR A 106 -20.62 0.46 -2.81
CA THR A 106 -20.64 -0.55 -1.71
C THR A 106 -19.99 0.01 -0.44
N ALA A 107 -19.13 1.04 -0.54
CA ALA A 107 -18.42 1.62 0.63
C ALA A 107 -19.39 1.79 1.80
N PRO A 108 -20.59 2.39 1.62
CA PRO A 108 -21.44 2.66 2.79
C PRO A 108 -21.81 1.37 3.55
N ALA A 109 -22.13 0.31 2.83
CA ALA A 109 -22.61 -0.95 3.45
C ALA A 109 -21.46 -1.60 4.26
N VAL A 110 -20.25 -1.55 3.71
CA VAL A 110 -19.01 -2.13 4.31
C VAL A 110 -18.80 -1.41 5.63
N VAL A 111 -18.83 -0.07 5.57
CA VAL A 111 -18.55 0.74 6.80
C VAL A 111 -19.62 0.50 7.87
N ALA A 112 -20.89 0.41 7.48
CA ALA A 112 -22.00 0.25 8.46
C ALA A 112 -21.87 -1.13 9.12
N LEU A 113 -21.60 -2.16 8.32
CA LEU A 113 -21.46 -3.54 8.88
C LEU A 113 -20.30 -3.53 9.87
N LEU A 114 -19.16 -2.99 9.47
CA LEU A 114 -17.96 -3.05 10.34
C LEU A 114 -18.23 -2.28 11.64
N GLU A 115 -18.75 -1.03 11.57
CA GLU A 115 -18.97 -0.18 12.77
C GLU A 115 -20.04 -0.74 13.73
N GLN A 116 -20.94 -1.59 13.23
CA GLN A 116 -21.92 -2.28 14.11
C GLN A 116 -21.14 -3.13 15.11
N ASN A 117 -19.96 -3.62 14.77
CA ASN A 117 -19.16 -4.45 15.71
C ASN A 117 -18.63 -3.52 16.80
N PRO A 118 -18.74 -3.91 18.09
CA PRO A 118 -18.23 -3.06 19.16
C PRO A 118 -16.70 -2.88 19.14
N ASN A 119 -15.94 -3.71 18.43
CA ASN A 119 -14.46 -3.51 18.31
C ASN A 119 -14.04 -2.49 17.21
N ILE A 120 -14.97 -1.94 16.42
CA ILE A 120 -14.60 -1.13 15.22
C ILE A 120 -15.33 0.20 15.31
N GLU A 121 -14.55 1.26 15.16
CA GLU A 121 -15.06 2.62 14.90
C GLU A 121 -14.02 3.40 14.10
N PHE A 122 -14.51 4.14 13.10
CA PHE A 122 -13.72 5.01 12.20
C PHE A 122 -14.01 6.48 12.48
N GLU A 123 -13.16 7.37 11.96
CA GLU A 123 -13.45 8.83 11.94
C GLU A 123 -12.82 9.42 10.69
N PHE A 124 -13.39 10.46 10.12
CA PHE A 124 -12.78 11.22 9.01
C PHE A 124 -11.46 11.78 9.51
N ARG A 125 -10.38 11.64 8.74
CA ARG A 125 -9.14 12.45 8.94
C ARG A 125 -8.77 13.08 7.62
N ALA A 126 -8.58 14.40 7.67
CA ALA A 126 -8.17 15.22 6.52
C ALA A 126 -6.80 14.76 6.00
N PHE A 127 -6.73 14.49 4.70
CA PHE A 127 -5.52 14.20 3.90
C PHE A 127 -5.97 14.38 2.46
N PRO A 128 -5.39 15.29 1.67
CA PRO A 128 -5.98 15.60 0.36
C PRO A 128 -5.97 14.44 -0.66
N ASP A 129 -7.00 14.40 -1.50
CA ASP A 129 -6.99 13.66 -2.78
C ASP A 129 -5.82 14.19 -3.59
N TYR A 130 -5.35 13.38 -4.53
CA TYR A 130 -3.98 13.52 -5.07
C TYR A 130 -4.00 14.21 -6.44
N TYR A 131 -5.12 14.24 -7.14
CA TYR A 131 -5.14 14.84 -8.51
C TYR A 131 -6.14 16.00 -8.62
N LYS A 132 -5.81 16.97 -9.47
CA LYS A 132 -6.69 18.08 -9.89
C LYS A 132 -7.69 17.51 -10.85
N ALA A 133 -8.90 17.26 -10.41
CA ALA A 133 -9.96 16.75 -11.30
C ALA A 133 -11.28 17.01 -10.60
N GLU A 134 -12.36 17.09 -11.37
CA GLU A 134 -13.73 17.21 -10.86
C GLU A 134 -13.96 16.13 -9.81
N GLY A 135 -14.61 16.49 -8.70
CA GLY A 135 -14.90 15.61 -7.56
C GLY A 135 -13.76 15.46 -6.56
N ARG A 136 -12.63 16.14 -6.76
CA ARG A 136 -11.49 16.12 -5.79
C ARG A 136 -11.96 16.73 -4.46
N MET A 137 -11.59 16.14 -3.33
CA MET A 137 -11.71 16.77 -2.00
C MET A 137 -10.33 17.30 -1.62
N ASP A 138 -10.18 18.64 -1.54
CA ASP A 138 -8.89 19.31 -1.18
C ASP A 138 -8.47 18.94 0.25
N THR A 139 -9.44 18.68 1.12
CA THR A 139 -9.24 18.17 2.53
C THR A 139 -9.21 16.63 2.53
N GLY A 140 -9.61 15.97 1.44
CA GLY A 140 -9.80 14.51 1.36
C GLY A 140 -11.15 14.07 1.89
N ARG A 141 -11.47 12.78 1.76
CA ARG A 141 -12.74 12.20 2.35
C ARG A 141 -12.46 10.83 3.01
N SER A 142 -11.22 10.54 3.30
CA SER A 142 -10.78 9.22 3.79
C SER A 142 -11.00 9.11 5.30
N ILE A 143 -11.19 7.88 5.78
CA ILE A 143 -11.51 7.59 7.21
C ILE A 143 -10.45 6.71 7.82
N ASN A 144 -10.40 6.68 9.14
CA ASN A 144 -9.32 5.96 9.86
C ASN A 144 -9.90 5.32 11.11
N PRO A 145 -9.35 4.15 11.48
CA PRO A 145 -9.80 3.48 12.70
C PRO A 145 -9.30 4.33 13.88
N LEU A 146 -10.07 4.37 14.94
CA LEU A 146 -9.66 5.10 16.17
C LEU A 146 -8.49 4.36 16.80
N ASP A 147 -7.61 5.09 17.48
CA ASP A 147 -6.48 4.54 18.26
C ASP A 147 -7.03 3.43 19.13
N LEU A 148 -6.23 2.41 19.39
CA LEU A 148 -6.76 1.20 20.10
C LEU A 148 -5.85 0.90 21.27
N ASP A 149 -6.41 0.77 22.46
CA ASP A 149 -5.65 0.29 23.63
C ASP A 149 -5.47 -1.21 23.46
N PRO A 150 -4.21 -1.71 23.40
CA PRO A 150 -3.99 -3.13 23.11
C PRO A 150 -4.64 -4.07 24.14
N ALA A 151 -4.87 -3.59 25.37
CA ALA A 151 -5.54 -4.36 26.45
C ALA A 151 -6.97 -4.73 26.00
N ASP A 152 -7.59 -3.93 25.14
CA ASP A 152 -8.99 -4.19 24.70
C ASP A 152 -9.02 -5.42 23.82
N ILE A 153 -7.91 -5.94 23.28
CA ILE A 153 -8.06 -7.09 22.32
C ILE A 153 -7.36 -8.35 22.79
N GLY A 154 -6.92 -8.39 24.06
CA GLY A 154 -6.39 -9.61 24.72
C GLY A 154 -5.11 -10.11 24.06
N ASP A 155 -5.08 -11.38 23.70
CA ASP A 155 -3.84 -12.04 23.22
C ASP A 155 -3.62 -11.64 21.75
N LEU A 156 -4.54 -10.91 21.13
CA LEU A 156 -4.43 -10.56 19.68
C LEU A 156 -3.43 -9.44 19.54
N ALA A 157 -3.16 -8.66 20.58
CA ALA A 157 -2.27 -7.46 20.48
C ALA A 157 -0.84 -7.89 20.12
N GLY A 158 -0.34 -8.95 20.74
CA GLY A 158 0.98 -9.54 20.48
C GLY A 158 1.07 -10.27 19.13
N LYS A 159 -0.01 -10.38 18.38
CA LYS A 159 -0.02 -11.06 17.06
C LYS A 159 -0.19 -10.06 15.91
N VAL A 160 -0.20 -8.75 16.19
CA VAL A 160 -0.28 -7.70 15.12
C VAL A 160 1.15 -7.37 14.69
N ARG A 161 1.41 -7.32 13.40
CA ARG A 161 2.73 -6.85 12.92
C ARG A 161 2.95 -5.40 13.36
N PRO A 162 4.15 -5.09 13.88
CA PRO A 162 4.46 -3.75 14.32
C PRO A 162 4.83 -2.81 13.20
N GLU A 163 4.91 -1.52 13.53
CA GLU A 163 5.23 -0.43 12.58
C GLU A 163 6.64 -0.65 12.02
N LEU A 164 6.90 -0.05 10.86
CA LEU A 164 8.20 -0.14 10.16
C LEU A 164 9.37 0.32 11.02
N ASP A 165 9.22 1.34 11.85
CA ASP A 165 10.36 1.82 12.63
C ASP A 165 10.76 0.78 13.72
N GLN A 166 9.92 -0.23 13.94
CA GLN A 166 10.21 -1.33 14.89
C GLN A 166 10.43 -2.64 14.12
N ASP A 167 9.65 -2.90 13.08
CA ASP A 167 9.60 -4.23 12.44
C ASP A 167 10.88 -4.52 11.65
N ARG A 168 11.65 -3.55 11.15
CA ARG A 168 12.88 -3.95 10.38
C ARG A 168 14.09 -3.86 11.29
N THR A 169 13.93 -3.66 12.59
CA THR A 169 15.06 -3.62 13.55
C THR A 169 14.86 -4.68 14.66
N GLY A 170 14.03 -5.69 14.44
CA GLY A 170 13.86 -6.82 15.37
C GLY A 170 13.17 -6.37 16.64
N GLN A 171 12.18 -5.49 16.50
CA GLN A 171 11.49 -4.83 17.66
C GLN A 171 9.97 -5.06 17.54
N ASP A 172 9.29 -4.96 18.66
CA ASP A 172 7.82 -5.10 18.77
C ASP A 172 7.21 -3.70 18.95
N HIS A 173 5.92 -3.59 19.24
CA HIS A 173 5.21 -2.30 19.40
C HIS A 173 6.04 -1.37 20.31
N ALA A 174 6.18 -0.12 19.89
CA ALA A 174 6.74 1.00 20.70
C ALA A 174 5.69 1.46 21.71
N PRO A 175 6.05 2.30 22.72
CA PRO A 175 5.08 2.77 23.71
C PRO A 175 3.87 3.46 23.09
N GLY A 176 2.74 3.41 23.79
CA GLY A 176 1.52 4.14 23.40
C GLY A 176 0.49 3.18 22.82
N PRO A 177 -0.68 3.70 22.42
CA PRO A 177 -1.72 2.85 21.86
C PRO A 177 -1.26 2.30 20.50
N MET A 178 -2.04 1.36 19.99
CA MET A 178 -1.97 0.90 18.58
C MET A 178 -2.66 1.98 17.72
N ILE A 179 -1.97 2.48 16.70
CA ILE A 179 -2.49 3.55 15.79
C ILE A 179 -2.36 3.09 14.33
N GLY A 180 -3.00 3.83 13.42
CA GLY A 180 -2.87 3.54 11.99
C GLY A 180 -3.14 2.05 11.72
N GLY A 181 -2.27 1.40 10.93
CA GLY A 181 -2.48 0.00 10.56
C GLY A 181 -2.53 -0.98 11.75
N ARG A 182 -1.78 -0.74 12.81
CA ARG A 182 -1.85 -1.56 14.05
C ARG A 182 -3.29 -1.53 14.59
N ALA A 183 -3.93 -0.37 14.62
CA ALA A 183 -5.32 -0.24 15.13
C ALA A 183 -6.28 -0.90 14.15
N LEU A 184 -6.06 -0.73 12.85
CA LEU A 184 -6.96 -1.33 11.82
C LEU A 184 -6.97 -2.86 11.99
N ILE A 185 -5.80 -3.44 12.05
CA ILE A 185 -5.67 -4.92 12.08
C ILE A 185 -6.05 -5.45 13.48
N GLY A 186 -5.69 -4.73 14.54
CA GLY A 186 -6.09 -5.12 15.92
C GLY A 186 -7.61 -5.15 16.06
N ARG A 187 -8.25 -4.14 15.50
CA ARG A 187 -9.74 -4.04 15.58
C ARG A 187 -10.40 -5.09 14.69
N LEU A 188 -9.92 -5.28 13.47
CA LEU A 188 -10.49 -6.28 12.55
C LEU A 188 -10.31 -7.67 13.14
N LEU A 189 -9.15 -7.96 13.71
CA LEU A 189 -8.93 -9.31 14.33
C LEU A 189 -9.91 -9.52 15.47
N ALA A 190 -10.09 -8.51 16.34
CA ALA A 190 -11.01 -8.63 17.49
C ALA A 190 -12.46 -8.77 16.98
N ALA A 191 -12.85 -8.07 15.93
CA ALA A 191 -14.18 -8.26 15.30
C ALA A 191 -14.33 -9.71 14.78
N VAL A 192 -13.37 -10.14 13.97
CA VAL A 192 -13.43 -11.52 13.40
C VAL A 192 -13.55 -12.53 14.57
N GLN A 193 -12.76 -12.38 15.63
CA GLN A 193 -12.77 -13.36 16.74
C GLN A 193 -14.15 -13.32 17.43
N SER A 194 -14.78 -12.16 17.59
CA SER A 194 -16.07 -11.94 18.33
C SER A 194 -17.22 -12.71 17.66
N THR A 195 -17.11 -13.05 16.39
CA THR A 195 -18.23 -13.72 15.68
C THR A 195 -18.41 -15.13 16.27
N GLY A 196 -17.35 -15.71 16.82
CA GLY A 196 -17.31 -17.12 17.23
C GLY A 196 -17.42 -18.07 16.05
N LYS A 197 -17.26 -17.62 14.81
CA LYS A 197 -17.28 -18.54 13.66
C LYS A 197 -15.95 -18.58 12.92
N ALA A 198 -14.89 -18.03 13.48
CA ALA A 198 -13.65 -17.87 12.69
C ALA A 198 -12.49 -18.52 13.44
N GLU A 199 -11.55 -19.04 12.71
CA GLU A 199 -10.23 -19.44 13.26
C GLU A 199 -9.22 -18.53 12.59
N LEU A 200 -8.32 -17.97 13.39
CA LEU A 200 -7.23 -17.07 12.98
C LEU A 200 -5.91 -17.84 13.12
N ARG A 201 -5.26 -18.24 12.04
CA ARG A 201 -3.98 -19.00 12.14
C ARG A 201 -2.78 -18.19 11.65
N THR A 202 -1.67 -18.22 12.39
CA THR A 202 -0.37 -17.69 11.91
C THR A 202 0.48 -18.86 11.41
N GLU A 203 1.50 -18.54 10.63
CA GLU A 203 2.50 -19.47 10.07
C GLU A 203 1.77 -20.62 9.41
N SER A 204 0.70 -20.27 8.70
CA SER A 204 -0.07 -21.15 7.82
C SER A 204 -0.01 -20.56 6.42
N VAL A 205 0.60 -21.29 5.52
CA VAL A 205 0.97 -20.83 4.16
C VAL A 205 0.12 -21.55 3.13
N LEU A 206 -0.63 -20.80 2.32
CA LEU A 206 -1.18 -21.37 1.06
C LEU A 206 -0.01 -21.79 0.19
N THR A 207 -0.02 -23.04 -0.32
CA THR A 207 0.92 -23.57 -1.35
C THR A 207 0.15 -23.72 -2.66
N SER A 208 -0.94 -24.46 -2.68
CA SER A 208 -1.73 -24.74 -3.90
C SER A 208 -3.22 -24.73 -3.65
N LEU A 209 -3.97 -24.36 -4.65
CA LEU A 209 -5.44 -24.56 -4.66
C LEU A 209 -5.75 -26.01 -5.04
N ILE A 210 -6.90 -26.51 -4.60
CA ILE A 210 -7.40 -27.87 -4.93
C ILE A 210 -8.63 -27.68 -5.78
N VAL A 211 -8.64 -28.34 -6.93
CA VAL A 211 -9.66 -28.17 -7.99
C VAL A 211 -10.35 -29.52 -8.19
N GLU A 212 -11.66 -29.48 -8.34
CA GLU A 212 -12.44 -30.66 -8.77
C GLU A 212 -13.36 -30.21 -9.91
N ASP A 213 -13.18 -30.78 -11.10
CA ASP A 213 -14.00 -30.47 -12.30
C ASP A 213 -13.97 -28.96 -12.53
N GLY A 214 -12.78 -28.36 -12.47
CA GLY A 214 -12.51 -26.93 -12.74
C GLY A 214 -12.97 -25.96 -11.63
N ARG A 215 -13.63 -26.44 -10.56
CA ARG A 215 -14.12 -25.64 -9.41
C ARG A 215 -13.02 -25.70 -8.32
N VAL A 216 -12.68 -24.56 -7.71
CA VAL A 216 -11.80 -24.54 -6.50
C VAL A 216 -12.64 -25.01 -5.30
N VAL A 217 -12.18 -26.08 -4.62
CA VAL A 217 -12.90 -26.72 -3.47
C VAL A 217 -12.09 -26.63 -2.19
N GLY A 218 -10.86 -26.11 -2.23
CA GLY A 218 -10.05 -25.99 -1.01
C GLY A 218 -8.62 -25.69 -1.39
N ALA A 219 -7.69 -25.90 -0.48
CA ALA A 219 -6.27 -25.55 -0.71
C ALA A 219 -5.39 -26.44 0.15
N GLU A 220 -4.15 -26.57 -0.31
CA GLU A 220 -3.07 -27.24 0.42
C GLU A 220 -2.37 -26.10 1.16
N VAL A 221 -2.10 -26.31 2.45
CA VAL A 221 -1.59 -25.32 3.42
C VAL A 221 -0.47 -25.97 4.23
N GLU A 222 0.67 -25.32 4.35
CA GLU A 222 1.77 -25.79 5.26
C GLU A 222 1.63 -25.08 6.60
N SER A 223 1.91 -25.80 7.67
CA SER A 223 1.81 -25.39 9.10
C SER A 223 2.45 -26.49 9.96
N GLY A 224 3.46 -26.14 10.77
CA GLY A 224 4.19 -27.08 11.65
C GLY A 224 4.96 -28.11 10.83
N GLY A 225 5.69 -27.67 9.80
CA GLY A 225 6.43 -28.59 8.94
C GLY A 225 5.55 -29.71 8.42
N GLU A 226 4.23 -29.47 8.37
CA GLU A 226 3.26 -30.50 7.90
C GLU A 226 2.36 -29.89 6.81
N THR A 227 1.66 -30.75 6.05
CA THR A 227 0.77 -30.31 4.96
C THR A 227 -0.65 -30.59 5.37
N GLN A 228 -1.54 -29.66 5.09
CA GLN A 228 -2.97 -29.88 5.38
C GLN A 228 -3.74 -29.58 4.13
N ARG A 229 -4.94 -30.16 4.07
CA ARG A 229 -5.84 -29.95 2.94
C ARG A 229 -7.11 -29.40 3.56
N ILE A 230 -7.43 -28.15 3.24
CA ILE A 230 -8.59 -27.48 3.88
C ILE A 230 -9.64 -27.32 2.82
N LYS A 231 -10.78 -27.95 3.08
CA LYS A 231 -11.93 -27.77 2.19
C LYS A 231 -12.63 -26.42 2.46
N ALA A 232 -13.05 -25.74 1.41
CA ALA A 232 -13.88 -24.52 1.40
C ALA A 232 -15.17 -24.79 0.64
N ASN A 233 -16.24 -25.07 1.39
CA ASN A 233 -17.59 -25.37 0.85
C ASN A 233 -18.11 -24.21 -0.01
N ARG A 234 -17.95 -22.93 0.39
CA ARG A 234 -18.47 -21.77 -0.40
C ARG A 234 -17.38 -21.12 -1.24
N GLY A 235 -16.14 -21.06 -0.75
CA GLY A 235 -15.08 -20.46 -1.56
C GLY A 235 -13.83 -20.10 -0.79
N VAL A 236 -12.83 -19.75 -1.58
CA VAL A 236 -11.50 -19.29 -1.14
C VAL A 236 -11.37 -17.81 -1.51
N LEU A 237 -11.18 -16.95 -0.52
CA LEU A 237 -10.77 -15.54 -0.77
C LEU A 237 -9.26 -15.42 -0.63
N MET A 238 -8.60 -15.06 -1.72
CA MET A 238 -7.15 -14.81 -1.70
C MET A 238 -6.92 -13.29 -1.64
N ALA A 239 -6.55 -12.79 -0.46
CA ALA A 239 -6.15 -11.38 -0.24
C ALA A 239 -4.81 -11.43 0.48
N ALA A 240 -3.81 -11.93 -0.24
CA ALA A 240 -2.47 -12.28 0.29
C ALA A 240 -1.44 -11.37 -0.35
N GLY A 241 -1.84 -10.19 -0.82
CA GLY A 241 -0.85 -9.20 -1.34
C GLY A 241 -0.39 -9.53 -2.75
N GLY A 242 0.63 -8.80 -3.19
CA GLY A 242 1.08 -8.83 -4.60
C GLY A 242 2.41 -9.55 -4.76
N ILE A 243 3.17 -9.08 -5.76
CA ILE A 243 4.46 -9.70 -6.20
C ILE A 243 5.62 -8.86 -5.69
N GLU A 244 5.36 -7.88 -4.81
CA GLU A 244 6.33 -6.82 -4.45
C GLU A 244 7.62 -7.41 -3.88
N GLY A 245 7.54 -8.52 -3.15
CA GLY A 245 8.70 -9.16 -2.53
C GLY A 245 9.37 -10.21 -3.45
N ASN A 246 8.93 -10.40 -4.70
CA ASN A 246 9.46 -11.46 -5.61
C ASN A 246 10.15 -10.78 -6.82
N ALA A 247 11.47 -10.68 -6.76
CA ALA A 247 12.33 -10.02 -7.77
C ALA A 247 12.16 -10.74 -9.12
N GLU A 248 11.98 -12.08 -9.12
CA GLU A 248 11.87 -12.87 -10.37
C GLU A 248 10.53 -12.53 -11.05
N MET A 249 9.41 -12.52 -10.34
CA MET A 249 8.15 -12.16 -11.00
C MET A 249 8.20 -10.69 -11.48
N ARG A 250 8.82 -9.79 -10.71
CA ARG A 250 8.82 -8.33 -11.06
C ARG A 250 9.67 -8.15 -12.33
N GLU A 251 10.85 -8.79 -12.38
CA GLU A 251 11.75 -8.68 -13.58
C GLU A 251 11.03 -9.28 -14.79
N GLN A 252 10.38 -10.42 -14.61
CA GLN A 252 9.62 -11.03 -15.72
C GLN A 252 8.51 -10.08 -16.19
N ALA A 253 7.78 -9.42 -15.29
CA ALA A 253 6.63 -8.56 -15.69
C ALA A 253 7.12 -7.20 -16.18
N GLY A 254 8.36 -6.85 -15.93
CA GLY A 254 8.91 -5.52 -16.27
C GLY A 254 8.46 -4.47 -15.27
N THR A 255 8.11 -4.87 -14.05
CA THR A 255 7.72 -3.94 -12.98
C THR A 255 8.93 -3.07 -12.66
N PRO A 256 8.81 -1.73 -12.70
CA PRO A 256 9.92 -0.90 -12.22
C PRO A 256 10.14 -1.05 -10.71
N GLY A 257 11.22 -0.47 -10.21
CA GLY A 257 11.64 -0.54 -8.81
C GLY A 257 12.26 -1.89 -8.54
N LYS A 258 12.35 -2.28 -7.29
CA LYS A 258 13.02 -3.55 -6.92
C LYS A 258 12.40 -4.10 -5.65
N ALA A 259 12.37 -5.42 -5.56
CA ALA A 259 11.91 -6.14 -4.36
C ALA A 259 12.61 -5.57 -3.13
N ILE A 260 13.93 -5.31 -3.15
CA ILE A 260 14.64 -4.89 -1.91
C ILE A 260 14.21 -3.45 -1.51
N TRP A 261 13.66 -2.68 -2.44
CA TRP A 261 13.17 -1.30 -2.20
C TRP A 261 11.71 -1.30 -1.73
N SER A 262 10.96 -2.40 -1.92
CA SER A 262 9.52 -2.47 -1.53
C SER A 262 9.39 -2.24 -0.02
N MET A 263 8.32 -1.55 0.38
CA MET A 263 8.02 -1.38 1.82
C MET A 263 7.10 -2.52 2.33
N GLY A 264 6.85 -3.56 1.52
CA GLY A 264 6.20 -4.79 1.96
C GLY A 264 7.06 -5.44 3.03
N PRO A 265 6.49 -6.19 3.99
CA PRO A 265 7.28 -6.92 4.98
C PRO A 265 8.18 -7.92 4.26
N PHE A 266 9.47 -7.93 4.58
CA PHE A 266 10.49 -8.72 3.83
C PHE A 266 10.00 -10.19 3.85
N GLY A 267 9.88 -10.83 2.71
CA GLY A 267 9.59 -12.26 2.64
C GLY A 267 8.09 -12.53 2.57
N ALA A 268 7.20 -11.55 2.77
CA ALA A 268 5.77 -11.90 2.99
C ALA A 268 5.02 -12.06 1.65
N ASN A 269 5.11 -11.04 0.80
CA ASN A 269 4.26 -10.92 -0.41
C ASN A 269 5.11 -11.32 -1.62
N THR A 270 5.14 -12.62 -1.93
CA THR A 270 6.04 -13.19 -2.97
C THR A 270 5.20 -13.73 -4.12
N GLY A 271 4.01 -13.16 -4.30
CA GLY A 271 3.05 -13.53 -5.34
C GLY A 271 2.52 -14.94 -5.23
N ASP A 272 2.49 -15.54 -4.05
CA ASP A 272 2.09 -16.96 -3.91
C ASP A 272 0.64 -17.15 -4.41
N ALA A 273 -0.25 -16.22 -4.08
CA ALA A 273 -1.70 -16.34 -4.35
C ALA A 273 -1.97 -16.02 -5.81
N ILE A 274 -1.22 -15.07 -6.37
CA ILE A 274 -1.38 -14.76 -7.82
C ILE A 274 -1.00 -16.02 -8.64
N SER A 275 0.17 -16.60 -8.36
CA SER A 275 0.67 -17.90 -8.91
C SER A 275 -0.39 -18.99 -8.79
N ALA A 276 -0.85 -19.26 -7.56
CA ALA A 276 -1.87 -20.30 -7.29
C ALA A 276 -3.08 -20.08 -8.19
N GLY A 277 -3.47 -18.81 -8.39
CA GLY A 277 -4.63 -18.45 -9.23
C GLY A 277 -4.35 -18.65 -10.70
N ILE A 278 -3.20 -18.24 -11.20
CA ILE A 278 -2.80 -18.54 -12.60
C ILE A 278 -2.82 -20.07 -12.81
N ALA A 279 -2.33 -20.86 -11.85
CA ALA A 279 -2.18 -22.34 -12.00
C ALA A 279 -3.56 -22.96 -12.26
N VAL A 280 -4.66 -22.32 -11.83
CA VAL A 280 -6.00 -22.92 -12.05
C VAL A 280 -6.71 -22.17 -13.15
N GLY A 281 -6.00 -21.38 -13.99
CA GLY A 281 -6.59 -20.70 -15.16
C GLY A 281 -6.91 -19.21 -14.97
N GLY A 282 -6.47 -18.56 -13.91
CA GLY A 282 -6.80 -17.12 -13.71
C GLY A 282 -5.97 -16.26 -14.64
N ALA A 283 -6.62 -15.32 -15.32
CA ALA A 283 -5.95 -14.28 -16.12
C ALA A 283 -5.39 -13.18 -15.19
N THR A 284 -4.43 -12.44 -15.70
CA THR A 284 -3.66 -11.39 -15.00
C THR A 284 -3.67 -10.12 -15.83
N ALA A 285 -3.47 -8.99 -15.15
CA ALA A 285 -3.35 -7.66 -15.77
C ALA A 285 -2.52 -6.73 -14.88
N LEU A 286 -1.91 -5.72 -15.49
CA LEU A 286 -1.23 -4.57 -14.83
C LEU A 286 -0.02 -5.04 -14.01
N LEU A 287 0.59 -6.18 -14.34
CA LEU A 287 1.71 -6.74 -13.53
C LEU A 287 2.93 -5.82 -13.55
N ASP A 288 3.05 -4.95 -14.55
CA ASP A 288 4.17 -3.97 -14.58
C ASP A 288 3.82 -2.73 -13.72
N GLN A 289 2.68 -2.72 -13.03
CA GLN A 289 2.26 -1.53 -12.25
C GLN A 289 2.43 -1.76 -10.75
N ALA A 290 2.63 -0.69 -10.00
CA ALA A 290 2.72 -0.80 -8.53
C ALA A 290 2.23 0.50 -7.90
N TRP A 291 2.03 0.48 -6.59
CA TRP A 291 1.74 1.73 -5.83
C TRP A 291 3.12 2.30 -5.52
N PHE A 292 3.63 3.18 -6.39
CA PHE A 292 5.01 3.70 -6.27
C PHE A 292 5.14 4.83 -5.24
N CYS A 293 6.38 5.01 -4.77
CA CYS A 293 6.76 6.14 -3.91
C CYS A 293 8.26 6.30 -4.03
N PRO A 294 8.81 7.50 -3.83
CA PRO A 294 10.26 7.63 -3.73
C PRO A 294 10.66 6.98 -2.41
N GLY A 295 11.87 6.43 -2.36
CA GLY A 295 12.46 5.86 -1.14
C GLY A 295 13.83 6.45 -0.87
N VAL A 296 14.11 6.70 0.39
CA VAL A 296 15.46 7.08 0.83
C VAL A 296 16.24 5.78 0.94
N GLU A 297 17.31 5.67 0.17
CA GLU A 297 18.12 4.42 0.10
C GLU A 297 18.77 4.26 1.47
N GLN A 298 18.81 3.02 1.96
CA GLN A 298 19.28 2.70 3.33
C GLN A 298 20.67 2.10 3.23
N PRO A 299 21.52 2.19 4.28
CA PRO A 299 22.80 1.50 4.32
C PRO A 299 22.71 0.05 3.85
N ASP A 300 21.62 -0.67 4.12
CA ASP A 300 21.54 -2.13 3.89
C ASP A 300 21.02 -2.40 2.48
N GLY A 301 20.81 -1.36 1.64
CA GLY A 301 20.33 -1.52 0.23
C GLY A 301 18.79 -1.43 0.11
N SER A 302 18.05 -1.47 1.22
CA SER A 302 16.57 -1.32 1.26
C SER A 302 16.21 0.17 1.11
N ALA A 303 14.94 0.52 1.23
CA ALA A 303 14.47 1.92 1.13
C ALA A 303 13.57 2.29 2.30
N ALA A 304 13.31 3.58 2.40
CA ALA A 304 12.32 4.15 3.36
C ALA A 304 11.37 5.07 2.61
N PHE A 305 10.09 4.88 2.86
CA PHE A 305 9.00 5.64 2.19
C PHE A 305 9.23 7.13 2.48
N MET A 306 9.41 7.95 1.44
CA MET A 306 9.58 9.41 1.63
C MET A 306 8.26 10.11 1.31
N VAL A 307 7.66 10.73 2.33
CA VAL A 307 6.31 11.33 2.20
C VAL A 307 6.29 12.67 2.98
N GLY A 308 5.38 13.57 2.64
CA GLY A 308 5.28 14.89 3.29
C GLY A 308 6.58 15.68 3.16
N VAL A 309 7.05 15.86 1.94
CA VAL A 309 8.29 16.65 1.69
C VAL A 309 8.05 18.06 2.19
N ARG A 310 8.96 18.62 2.98
CA ARG A 310 8.78 19.97 3.56
C ARG A 310 9.86 20.92 3.05
N GLY A 311 10.89 20.40 2.40
CA GLY A 311 12.00 21.26 1.96
C GLY A 311 12.93 20.52 1.03
N GLY A 312 14.07 21.13 0.68
CA GLY A 312 15.01 20.60 -0.29
C GLY A 312 14.49 20.70 -1.72
N LEU A 313 15.27 20.11 -2.63
CA LEU A 313 14.93 19.89 -4.05
C LEU A 313 15.56 18.56 -4.46
N VAL A 314 15.19 18.10 -5.62
CA VAL A 314 15.67 16.81 -6.15
C VAL A 314 16.28 17.02 -7.55
N VAL A 315 17.45 16.43 -7.77
CA VAL A 315 18.13 16.48 -9.08
C VAL A 315 18.33 15.05 -9.61
N ASP A 316 18.43 14.98 -10.93
CA ASP A 316 18.91 13.82 -11.69
C ASP A 316 20.44 13.80 -11.63
N SER A 317 21.07 12.82 -12.29
CA SER A 317 22.54 12.61 -12.29
C SER A 317 23.25 13.76 -13.02
N ALA A 318 22.51 14.59 -13.78
CA ALA A 318 23.00 15.81 -14.46
C ALA A 318 22.96 17.01 -13.50
N GLY A 319 22.39 16.88 -12.29
CA GLY A 319 22.37 17.97 -11.30
C GLY A 319 21.28 18.97 -11.63
N GLU A 320 20.18 18.49 -12.25
CA GLU A 320 19.06 19.35 -12.65
C GLU A 320 17.74 18.88 -12.05
N ARG A 321 16.87 19.82 -11.72
CA ARG A 321 15.49 19.48 -11.31
C ARG A 321 14.73 18.94 -12.53
N TYR A 322 13.85 17.98 -12.35
CA TYR A 322 12.99 17.39 -13.39
C TYR A 322 11.57 17.18 -12.86
N LEU A 323 11.28 17.40 -11.58
CA LEU A 323 9.87 17.26 -11.14
C LEU A 323 9.55 18.20 -9.97
N ASN A 324 8.25 18.36 -9.72
CA ASN A 324 7.70 18.99 -8.50
C ASN A 324 7.93 18.00 -7.35
N GLU A 325 8.91 18.27 -6.48
CA GLU A 325 9.31 17.38 -5.34
C GLU A 325 8.15 17.17 -4.36
N SER A 326 7.13 18.02 -4.42
CA SER A 326 5.97 17.97 -3.50
C SER A 326 4.86 17.07 -4.09
N LEU A 327 5.01 16.51 -5.30
CA LEU A 327 3.99 15.65 -5.97
C LEU A 327 3.58 14.55 -5.00
N PRO A 328 2.30 14.14 -4.99
CA PRO A 328 1.91 12.89 -4.35
C PRO A 328 2.88 11.75 -4.76
N TYR A 329 3.25 10.91 -3.80
CA TYR A 329 4.34 9.94 -3.88
C TYR A 329 4.20 9.05 -5.12
N ASP A 330 3.00 8.68 -5.52
CA ASP A 330 2.86 7.78 -6.70
C ASP A 330 3.22 8.57 -7.98
N GLN A 331 2.87 9.86 -8.06
CA GLN A 331 3.16 10.67 -9.29
C GLN A 331 4.66 10.98 -9.26
N PHE A 332 5.23 11.20 -8.09
CA PHE A 332 6.71 11.42 -7.93
C PHE A 332 7.43 10.19 -8.52
N GLY A 333 7.10 9.01 -8.03
CA GLY A 333 7.69 7.74 -8.46
C GLY A 333 7.57 7.54 -9.98
N ARG A 334 6.37 7.70 -10.54
CA ARG A 334 6.15 7.57 -12.01
C ARG A 334 7.00 8.60 -12.75
N ALA A 335 7.19 9.80 -12.20
CA ALA A 335 8.08 10.80 -12.86
C ALA A 335 9.56 10.38 -12.76
N MET A 336 10.03 9.80 -11.66
CA MET A 336 11.39 9.20 -11.67
C MET A 336 11.52 8.18 -12.82
N ASP A 337 10.56 7.27 -12.93
CA ASP A 337 10.65 6.16 -13.89
C ASP A 337 10.62 6.73 -15.33
N ALA A 338 9.76 7.71 -15.62
CA ALA A 338 9.62 8.31 -16.97
C ALA A 338 10.91 9.06 -17.32
N HIS A 339 11.62 9.63 -16.35
CA HIS A 339 12.83 10.44 -16.61
C HIS A 339 14.08 9.55 -16.67
N ASP A 340 14.00 8.28 -16.28
CA ASP A 340 15.20 7.43 -16.06
C ASP A 340 15.78 6.95 -17.41
N ASP A 341 17.00 7.35 -17.72
CA ASP A 341 17.69 7.01 -19.00
C ASP A 341 18.98 6.24 -18.69
N ASN A 342 18.91 4.91 -18.71
CA ASN A 342 20.08 4.09 -18.31
C ASN A 342 20.61 4.68 -16.99
N GLY A 343 19.73 5.19 -16.11
CA GLY A 343 20.09 5.42 -14.70
C GLY A 343 20.30 6.89 -14.30
N SER A 344 19.76 7.86 -15.05
CA SER A 344 19.91 9.30 -14.71
C SER A 344 18.95 9.70 -13.58
N ALA A 345 17.82 8.97 -13.35
CA ALA A 345 16.77 9.34 -12.37
C ALA A 345 16.58 8.30 -11.24
N VAL A 346 17.04 7.07 -11.39
CA VAL A 346 17.12 6.08 -10.28
C VAL A 346 18.59 5.67 -10.16
N PRO A 347 19.38 6.18 -9.20
CA PRO A 347 18.91 7.04 -8.13
C PRO A 347 18.75 8.51 -8.54
N SER A 348 17.91 9.27 -7.84
CA SER A 348 17.94 10.75 -7.86
C SER A 348 18.57 11.22 -6.56
N PHE A 349 18.82 12.52 -6.41
CA PHE A 349 19.55 13.06 -5.25
C PHE A 349 18.66 14.13 -4.62
N MET A 350 18.27 13.92 -3.36
CA MET A 350 17.64 14.98 -2.55
C MET A 350 18.76 15.83 -1.96
N ILE A 351 18.66 17.12 -2.24
CA ILE A 351 19.63 18.17 -1.79
C ILE A 351 18.93 18.98 -0.71
N PHE A 352 19.57 19.18 0.43
CA PHE A 352 18.98 19.97 1.55
C PHE A 352 20.09 20.56 2.39
N ASP A 353 19.73 21.52 3.23
CA ASP A 353 20.74 22.21 4.05
C ASP A 353 20.52 21.78 5.50
N SER A 354 20.97 22.58 6.47
CA SER A 354 20.94 22.26 7.92
C SER A 354 19.78 22.96 8.61
N ARG A 355 18.75 23.28 7.82
CA ARG A 355 17.51 23.89 8.33
C ARG A 355 16.84 22.97 9.37
N GLU A 356 16.89 21.65 9.20
CA GLU A 356 16.31 20.74 10.22
C GLU A 356 17.44 20.07 11.01
N GLY A 357 18.53 20.79 11.19
CA GLY A 357 19.67 20.34 11.99
C GLY A 357 20.30 19.06 11.48
N GLY A 358 20.30 18.79 10.18
CA GLY A 358 20.93 17.58 9.62
C GLY A 358 19.91 16.61 9.09
N GLY A 359 18.65 16.74 9.56
CA GLY A 359 17.52 15.92 9.08
C GLY A 359 17.16 16.21 7.63
N LEU A 360 16.66 15.18 6.95
CA LEU A 360 16.08 15.31 5.60
C LEU A 360 14.65 15.85 5.76
N PRO A 361 14.31 16.92 5.00
CA PRO A 361 13.05 17.65 5.19
C PRO A 361 11.85 16.94 4.58
N ALA A 362 11.53 15.79 5.18
CA ALA A 362 10.37 14.95 4.87
C ALA A 362 10.13 13.91 5.99
N ILE A 363 9.03 13.18 5.89
CA ILE A 363 8.78 11.96 6.70
C ILE A 363 9.43 10.77 5.99
N CYS A 364 10.37 10.09 6.66
CA CYS A 364 11.02 8.84 6.16
C CYS A 364 10.52 7.70 7.05
N ILE A 365 9.95 6.67 6.46
CA ILE A 365 9.40 5.50 7.19
C ILE A 365 10.04 4.22 6.64
N PRO A 366 10.95 3.55 7.39
CA PRO A 366 11.41 3.99 8.70
C PRO A 366 12.44 5.12 8.65
N ASN A 367 12.83 5.67 9.81
CA ASN A 367 13.65 6.91 9.89
C ASN A 367 15.04 6.58 10.44
N THR A 368 16.00 6.31 9.57
CA THR A 368 17.41 6.00 9.93
C THR A 368 18.12 7.32 10.22
N ALA A 369 18.91 7.34 11.28
CA ALA A 369 19.70 8.48 11.76
C ALA A 369 20.60 8.96 10.64
N PRO A 370 20.63 10.27 10.39
CA PRO A 370 21.59 10.88 9.47
C PRO A 370 23.00 10.28 9.55
N ALA A 371 23.53 10.15 10.76
CA ALA A 371 24.92 9.75 11.01
C ALA A 371 25.15 8.39 10.36
N LYS A 372 24.13 7.53 10.36
CA LYS A 372 24.29 6.14 9.83
C LYS A 372 24.24 6.20 8.30
N HIS A 373 23.42 7.10 7.75
CA HIS A 373 23.42 7.34 6.28
C HIS A 373 24.82 7.87 5.87
N LEU A 374 25.38 8.81 6.62
CA LEU A 374 26.62 9.54 6.23
C LEU A 374 27.82 8.59 6.37
N GLU A 375 27.82 7.74 7.39
CA GLU A 375 28.87 6.70 7.60
C GLU A 375 28.78 5.65 6.48
N ALA A 376 27.60 5.27 6.02
CA ALA A 376 27.45 4.25 4.96
C ALA A 376 27.65 4.89 3.56
N GLY A 377 27.57 6.22 3.40
CA GLY A 377 27.63 6.88 2.08
C GLY A 377 26.31 6.97 1.32
N THR A 378 25.16 6.59 1.88
CA THR A 378 23.85 6.79 1.22
C THR A 378 23.57 8.29 1.13
N TRP A 379 24.05 8.99 2.16
CA TRP A 379 24.00 10.45 2.21
C TRP A 379 25.43 10.92 2.24
N VAL A 380 25.66 12.07 1.63
CA VAL A 380 26.97 12.75 1.81
C VAL A 380 26.73 14.21 2.23
N GLY A 381 27.68 14.79 2.97
CA GLY A 381 27.55 16.18 3.43
C GLY A 381 28.79 16.97 3.06
N ALA A 382 28.70 18.30 2.97
CA ALA A 382 29.90 19.15 2.73
C ALA A 382 29.55 20.57 3.05
N ASP A 383 30.58 21.40 3.17
CA ASP A 383 30.46 22.81 3.62
C ASP A 383 30.05 23.70 2.43
N THR A 384 30.15 23.20 1.20
CA THR A 384 29.84 24.01 0.00
C THR A 384 29.15 23.13 -1.01
N LEU A 385 28.40 23.73 -1.94
CA LEU A 385 27.71 22.96 -3.00
C LEU A 385 28.76 22.40 -3.94
N GLU A 386 29.85 23.14 -4.11
CA GLU A 386 30.99 22.73 -4.96
C GLU A 386 31.54 21.38 -4.46
N GLU A 387 31.87 21.31 -3.17
CA GLU A 387 32.43 20.09 -2.54
C GLU A 387 31.33 19.02 -2.48
N LEU A 388 30.07 19.40 -2.26
CA LEU A 388 28.95 18.41 -2.26
C LEU A 388 28.88 17.74 -3.64
N ALA A 389 29.00 18.49 -4.73
CA ALA A 389 28.86 17.91 -6.09
C ALA A 389 30.04 16.97 -6.37
N ALA A 390 31.25 17.34 -5.93
CA ALA A 390 32.45 16.49 -6.04
C ALA A 390 32.17 15.16 -5.30
N LYS A 391 31.76 15.18 -4.03
CA LYS A 391 31.54 13.92 -3.28
C LYS A 391 30.38 13.11 -3.88
N THR A 392 29.41 13.69 -4.57
CA THR A 392 28.27 12.91 -5.09
C THR A 392 28.54 12.50 -6.55
N GLY A 393 29.57 13.08 -7.19
CA GLY A 393 29.77 12.93 -8.64
C GLY A 393 28.76 13.69 -9.49
N LEU A 394 28.08 14.70 -8.96
CA LEU A 394 27.15 15.50 -9.79
C LEU A 394 27.95 16.62 -10.45
N PRO A 395 27.59 17.06 -11.67
CA PRO A 395 28.16 18.26 -12.27
C PRO A 395 28.02 19.52 -11.39
N ALA A 396 29.13 20.18 -11.10
CA ALA A 396 29.22 21.19 -10.03
C ALA A 396 28.57 22.49 -10.50
N ASP A 397 28.83 22.90 -11.75
CA ASP A 397 28.23 24.12 -12.35
C ASP A 397 26.72 23.93 -12.38
N ALA A 398 26.25 22.78 -12.86
CA ALA A 398 24.79 22.53 -13.00
C ALA A 398 24.12 22.48 -11.59
N LEU A 399 24.72 21.84 -10.59
CA LEU A 399 24.10 21.76 -9.24
C LEU A 399 24.02 23.18 -8.66
N ARG A 400 25.12 23.94 -8.67
CA ARG A 400 25.16 25.32 -8.13
C ARG A 400 24.08 26.13 -8.82
N SER A 401 24.05 26.09 -10.15
CA SER A 401 23.04 26.78 -10.98
C SER A 401 21.61 26.37 -10.56
N THR A 402 21.39 25.07 -10.40
CA THR A 402 20.07 24.53 -10.00
C THR A 402 19.71 25.15 -8.66
N VAL A 403 20.63 25.15 -7.70
CA VAL A 403 20.26 25.58 -6.33
C VAL A 403 19.99 27.10 -6.34
N GLU A 404 20.83 27.89 -7.02
CA GLU A 404 20.64 29.37 -7.10
C GLU A 404 19.29 29.69 -7.73
N LYS A 405 18.90 28.95 -8.77
CA LYS A 405 17.59 29.14 -9.42
C LYS A 405 16.46 28.74 -8.47
N PHE A 406 16.57 27.62 -7.77
CA PHE A 406 15.53 27.22 -6.80
C PHE A 406 15.40 28.30 -5.71
N ASN A 407 16.53 28.82 -5.23
CA ASN A 407 16.58 29.86 -4.16
C ASN A 407 15.90 31.14 -4.65
N ASP A 408 16.07 31.51 -5.91
CA ASP A 408 15.41 32.70 -6.49
C ASP A 408 13.90 32.42 -6.45
N ALA A 409 13.45 31.20 -6.74
CA ALA A 409 12.02 30.85 -6.73
C ALA A 409 11.45 30.93 -5.30
N ALA A 410 12.23 30.53 -4.29
CA ALA A 410 11.78 30.56 -2.87
C ALA A 410 11.67 32.04 -2.42
N LYS A 411 12.61 32.87 -2.80
CA LYS A 411 12.59 34.33 -2.46
C LYS A 411 11.34 34.97 -3.08
N LEU A 412 11.07 34.65 -4.35
CA LEU A 412 9.92 35.20 -5.14
C LEU A 412 8.63 34.56 -4.64
N GLY A 413 8.63 33.26 -4.37
CA GLY A 413 7.42 32.58 -3.88
C GLY A 413 6.66 31.82 -4.97
N VAL A 414 7.23 31.64 -6.16
CA VAL A 414 6.62 30.80 -7.23
C VAL A 414 7.79 30.08 -7.90
N ASP A 415 7.61 28.79 -8.20
CA ASP A 415 8.57 27.91 -8.95
C ASP A 415 8.01 27.81 -10.36
N GLU A 416 8.57 28.57 -11.29
CA GLU A 416 7.96 28.75 -12.65
C GLU A 416 8.22 27.49 -13.45
N GLU A 417 9.26 26.74 -13.07
CA GLU A 417 9.69 25.52 -13.80
C GLU A 417 8.77 24.34 -13.46
N PHE A 418 8.45 24.05 -12.18
CA PHE A 418 7.68 22.83 -11.81
C PHE A 418 6.45 23.15 -10.96
N HIS A 419 6.18 24.42 -10.65
CA HIS A 419 4.90 24.86 -10.06
C HIS A 419 4.76 24.27 -8.64
N ARG A 420 5.87 24.00 -7.98
CA ARG A 420 5.81 23.41 -6.61
C ARG A 420 5.09 24.40 -5.66
N GLY A 421 4.15 23.86 -4.90
CA GLY A 421 3.49 24.55 -3.79
C GLY A 421 2.22 25.23 -4.25
N GLU A 422 1.65 24.84 -5.40
CA GLU A 422 0.43 25.45 -5.98
C GLU A 422 -0.61 24.35 -6.06
N ASP A 423 -0.64 23.48 -5.06
CA ASP A 423 -1.62 22.37 -5.03
C ASP A 423 -1.93 22.19 -3.54
N PRO A 424 -3.18 21.87 -3.18
CA PRO A 424 -3.52 21.63 -1.77
C PRO A 424 -2.72 20.48 -1.16
N TYR A 425 -2.19 19.55 -1.99
CA TYR A 425 -1.38 18.41 -1.50
C TYR A 425 -0.04 18.94 -1.04
N ASP A 426 0.62 19.74 -1.88
CA ASP A 426 1.94 20.38 -1.60
C ASP A 426 1.85 21.21 -0.31
N ALA A 427 0.74 21.93 -0.12
CA ALA A 427 0.58 22.92 0.98
C ALA A 427 0.25 22.18 2.28
N PHE A 428 -0.26 20.95 2.20
CA PHE A 428 -0.76 20.23 3.39
C PHE A 428 0.42 19.95 4.33
N PHE A 429 1.63 19.79 3.81
CA PHE A 429 2.74 19.46 4.73
C PHE A 429 3.58 20.69 5.02
N CYS A 430 3.17 21.83 4.48
CA CYS A 430 3.96 23.05 4.66
C CYS A 430 3.16 24.09 5.40
N PRO A 431 3.45 24.27 6.70
CA PRO A 431 2.71 25.20 7.51
C PRO A 431 3.05 26.60 6.97
N PRO A 432 2.06 27.45 6.64
CA PRO A 432 2.31 28.83 6.18
C PRO A 432 3.31 29.50 7.14
N ASN A 433 4.38 30.07 6.58
CA ASN A 433 5.42 30.76 7.39
C ASN A 433 5.64 32.18 6.83
N GLY A 434 6.80 32.77 7.13
CA GLY A 434 7.12 34.13 6.65
C GLY A 434 7.50 34.14 5.18
N GLY A 435 7.79 32.96 4.63
CA GLY A 435 8.18 32.84 3.21
C GLY A 435 6.99 33.04 2.28
N ALA A 436 7.24 33.58 1.08
CA ALA A 436 6.18 33.85 0.08
C ALA A 436 5.44 32.54 -0.24
N ASN A 437 6.15 31.41 -0.13
CA ASN A 437 5.55 30.08 -0.41
C ASN A 437 6.19 29.08 0.55
N ALA A 438 5.40 28.58 1.49
CA ALA A 438 5.80 27.60 2.53
C ALA A 438 6.41 26.32 1.91
N ALA A 439 6.09 25.91 0.68
CA ALA A 439 6.65 24.69 0.06
C ALA A 439 8.01 25.01 -0.56
N LEU A 440 8.38 26.28 -0.62
CA LEU A 440 9.67 26.66 -1.25
C LEU A 440 10.50 27.37 -0.21
N THR A 441 11.56 26.70 0.22
CA THR A 441 12.52 27.27 1.19
C THR A 441 13.93 27.22 0.62
N ALA A 442 14.68 28.32 0.74
CA ALA A 442 16.03 28.47 0.17
C ALA A 442 16.98 27.45 0.81
N ILE A 443 17.83 26.82 -0.01
CA ILE A 443 18.91 25.93 0.46
C ILE A 443 20.20 26.76 0.55
N GLU A 444 20.56 27.23 1.74
CA GLU A 444 21.67 28.21 1.86
C GLU A 444 22.37 28.15 3.21
N ASN A 445 21.85 27.39 4.16
CA ASN A 445 22.51 27.33 5.49
C ASN A 445 23.24 26.00 5.65
N GLY A 446 24.55 26.01 5.42
CA GLY A 446 25.43 24.84 5.46
C GLY A 446 25.56 24.16 6.82
N PRO A 447 26.00 22.88 6.91
CA PRO A 447 26.34 22.03 5.77
C PRO A 447 25.21 21.55 4.86
N PHE A 448 25.56 21.23 3.63
CA PHE A 448 24.61 20.77 2.59
C PHE A 448 24.69 19.25 2.49
N TYR A 449 23.58 18.61 2.15
CA TYR A 449 23.49 17.14 2.07
C TYR A 449 22.93 16.71 0.72
N ALA A 450 23.41 15.56 0.22
CA ALA A 450 22.71 14.82 -0.86
C ALA A 450 22.39 13.41 -0.38
N ALA A 451 21.10 13.00 -0.47
CA ALA A 451 20.61 11.63 -0.17
C ALA A 451 20.20 10.97 -1.47
N ARG A 452 20.53 9.69 -1.59
CA ARG A 452 20.12 8.88 -2.76
C ARG A 452 18.66 8.49 -2.59
N ILE A 453 17.86 8.81 -3.59
CA ILE A 453 16.41 8.48 -3.68
C ILE A 453 16.24 7.41 -4.76
N VAL A 454 15.52 6.34 -4.48
CA VAL A 454 15.30 5.19 -5.41
C VAL A 454 13.79 5.03 -5.60
N LEU A 455 13.38 4.13 -6.47
CA LEU A 455 11.94 3.95 -6.77
C LEU A 455 11.37 2.82 -5.91
N SER A 456 10.79 3.17 -4.75
CA SER A 456 10.22 2.22 -3.77
C SER A 456 8.78 1.96 -4.19
N ASP A 457 8.07 1.24 -3.35
CA ASP A 457 6.65 0.95 -3.57
C ASP A 457 6.03 0.59 -2.20
N LEU A 458 4.69 0.64 -2.14
CA LEU A 458 3.82 0.25 -1.02
C LEU A 458 3.06 -1.01 -1.43
N GLY A 459 3.71 -1.86 -2.22
CA GLY A 459 3.07 -3.01 -2.86
C GLY A 459 2.89 -2.78 -4.35
N THR A 460 2.73 -3.89 -5.09
CA THR A 460 2.39 -3.92 -6.52
C THR A 460 0.87 -3.94 -6.62
N LYS A 461 0.31 -3.71 -7.81
CA LYS A 461 -1.17 -3.56 -7.92
C LYS A 461 -1.68 -4.35 -9.10
N GLY A 462 -0.78 -5.15 -9.67
CA GLY A 462 -1.14 -6.03 -10.79
C GLY A 462 -1.40 -7.42 -10.28
N GLY A 463 -2.29 -8.16 -10.94
CA GLY A 463 -2.52 -9.56 -10.60
C GLY A 463 -3.81 -10.08 -11.21
N LEU A 464 -4.53 -10.92 -10.50
CA LEU A 464 -5.65 -11.70 -11.06
C LEU A 464 -6.78 -10.76 -11.46
N VAL A 465 -7.34 -11.03 -12.61
CA VAL A 465 -8.53 -10.33 -13.13
C VAL A 465 -9.70 -10.80 -12.30
N THR A 466 -10.50 -9.86 -11.82
CA THR A 466 -11.72 -10.11 -11.02
C THR A 466 -12.89 -9.30 -11.58
N ASP A 467 -14.10 -9.77 -11.28
CA ASP A 467 -15.37 -9.07 -11.59
C ASP A 467 -15.77 -8.22 -10.40
N VAL A 468 -17.00 -7.72 -10.39
CA VAL A 468 -17.48 -6.76 -9.36
C VAL A 468 -17.70 -7.49 -8.03
N ASN A 469 -17.68 -8.83 -8.02
CA ASN A 469 -17.85 -9.62 -6.78
C ASN A 469 -16.56 -10.32 -6.35
N GLY A 470 -15.41 -9.90 -6.88
CA GLY A 470 -14.08 -10.44 -6.56
C GLY A 470 -13.82 -11.82 -7.17
N ARG A 471 -14.67 -12.29 -8.07
CA ARG A 471 -14.43 -13.63 -8.67
C ARG A 471 -13.27 -13.54 -9.66
N VAL A 472 -12.35 -14.51 -9.57
CA VAL A 472 -11.21 -14.66 -10.51
C VAL A 472 -11.75 -15.17 -11.86
N LEU A 473 -11.36 -14.49 -12.94
CA LEU A 473 -11.86 -14.78 -14.31
C LEU A 473 -10.71 -15.39 -15.12
N ARG A 474 -11.04 -16.29 -16.04
CA ARG A 474 -10.05 -16.81 -17.01
C ARG A 474 -9.97 -15.78 -18.13
N ALA A 475 -9.09 -16.03 -19.10
CA ALA A 475 -8.82 -15.16 -20.26
C ALA A 475 -10.09 -14.97 -21.09
N ASP A 476 -11.03 -15.91 -21.08
CA ASP A 476 -12.29 -15.82 -21.86
C ASP A 476 -13.36 -15.04 -21.09
N GLY A 477 -13.10 -14.55 -19.87
CA GLY A 477 -14.06 -13.75 -19.08
C GLY A 477 -14.96 -14.59 -18.18
N SER A 478 -14.89 -15.91 -18.24
CA SER A 478 -15.71 -16.80 -17.38
C SER A 478 -15.11 -16.86 -15.96
N ALA A 479 -15.94 -17.04 -14.95
CA ALA A 479 -15.55 -17.12 -13.53
C ALA A 479 -14.96 -18.50 -13.18
N ILE A 480 -13.86 -18.52 -12.41
CA ILE A 480 -13.37 -19.76 -11.78
C ILE A 480 -14.17 -19.97 -10.50
N ASP A 481 -14.98 -20.99 -10.53
CA ASP A 481 -15.97 -21.23 -9.47
C ASP A 481 -15.22 -21.47 -8.14
N GLY A 482 -15.66 -20.80 -7.07
CA GLY A 482 -15.11 -20.95 -5.70
C GLY A 482 -13.87 -20.09 -5.46
N LEU A 483 -13.38 -19.33 -6.46
CA LEU A 483 -12.13 -18.57 -6.25
C LEU A 483 -12.37 -17.05 -6.34
N TYR A 484 -11.93 -16.34 -5.31
CA TYR A 484 -12.03 -14.86 -5.19
C TYR A 484 -10.67 -14.25 -4.89
N ALA A 485 -10.42 -13.03 -5.34
CA ALA A 485 -9.21 -12.31 -4.94
C ALA A 485 -9.55 -10.83 -4.68
N ALA A 486 -8.80 -10.21 -3.78
CA ALA A 486 -8.92 -8.80 -3.38
C ALA A 486 -7.58 -8.30 -2.90
N GLY A 487 -7.51 -7.00 -2.70
CA GLY A 487 -6.23 -6.30 -2.53
C GLY A 487 -5.25 -6.56 -3.65
N ASN A 488 -3.98 -6.57 -3.30
CA ASN A 488 -2.90 -6.56 -4.31
C ASN A 488 -2.72 -7.97 -4.92
N THR A 489 -3.53 -8.95 -4.51
CA THR A 489 -3.69 -10.24 -5.25
C THR A 489 -4.48 -9.99 -6.53
N SER A 490 -5.32 -8.96 -6.56
CA SER A 490 -6.12 -8.62 -7.76
C SER A 490 -5.50 -7.41 -8.45
N ALA A 491 -5.66 -7.36 -9.78
CA ALA A 491 -5.38 -6.19 -10.64
C ALA A 491 -6.26 -5.02 -10.17
N SER A 492 -5.67 -3.91 -9.69
CA SER A 492 -6.46 -2.74 -9.19
C SER A 492 -7.36 -2.19 -10.32
N LEU A 493 -8.62 -1.89 -10.01
CA LEU A 493 -9.49 -0.99 -10.81
C LEU A 493 -8.82 0.37 -11.08
N SER A 494 -7.81 0.77 -10.32
CA SER A 494 -7.18 2.10 -10.43
C SER A 494 -6.16 2.17 -11.55
N GLY A 495 -5.85 1.09 -12.26
CA GLY A 495 -4.97 1.24 -13.43
C GLY A 495 -3.65 1.91 -13.03
N ARG A 496 -3.28 2.98 -13.74
CA ARG A 496 -1.98 3.67 -13.54
C ARG A 496 -2.15 4.86 -12.58
N PHE A 497 -3.23 4.88 -11.81
CA PHE A 497 -3.56 6.02 -10.92
C PHE A 497 -3.59 5.60 -9.46
N TYR A 498 -3.20 6.56 -8.62
CA TYR A 498 -3.32 6.52 -7.15
C TYR A 498 -4.21 7.73 -6.84
N PRO A 499 -5.53 7.59 -6.94
CA PRO A 499 -6.44 8.72 -6.83
C PRO A 499 -6.39 9.53 -5.53
N GLY A 500 -6.20 8.84 -4.41
CA GLY A 500 -6.22 9.53 -3.11
C GLY A 500 -5.85 8.58 -1.98
N PRO A 501 -5.72 9.14 -0.76
CA PRO A 501 -5.24 8.40 0.39
C PRO A 501 -6.26 7.32 0.69
N GLY A 502 -5.80 6.07 0.77
CA GLY A 502 -6.66 4.97 1.25
C GLY A 502 -7.29 4.18 0.12
N VAL A 503 -6.91 4.41 -1.12
CA VAL A 503 -7.46 3.60 -2.23
C VAL A 503 -7.02 2.14 -2.14
N PRO A 504 -5.74 1.80 -1.86
CA PRO A 504 -5.35 0.40 -1.72
C PRO A 504 -6.21 -0.35 -0.69
N LEU A 505 -6.43 0.24 0.50
CA LEU A 505 -7.12 -0.46 1.61
C LEU A 505 -8.60 -0.45 1.31
N GLY A 506 -9.09 0.65 0.75
CA GLY A 506 -10.51 0.82 0.42
C GLY A 506 -10.98 -0.18 -0.60
N THR A 507 -10.30 -0.25 -1.74
CA THR A 507 -10.63 -1.27 -2.79
C THR A 507 -10.51 -2.70 -2.18
N ALA A 508 -9.45 -2.99 -1.44
CA ALA A 508 -9.26 -4.34 -0.82
C ALA A 508 -10.48 -4.67 0.06
N MET A 509 -10.93 -3.70 0.84
CA MET A 509 -11.99 -3.93 1.85
C MET A 509 -13.33 -4.11 1.13
N VAL A 510 -13.62 -3.29 0.14
CA VAL A 510 -14.91 -3.42 -0.59
C VAL A 510 -14.97 -4.75 -1.32
N PHE A 511 -13.91 -5.19 -2.02
CA PHE A 511 -14.05 -6.40 -2.85
C PHE A 511 -13.95 -7.66 -1.98
N SER A 512 -13.24 -7.60 -0.86
CA SER A 512 -13.27 -8.70 0.15
C SER A 512 -14.69 -8.88 0.71
N TYR A 513 -15.36 -7.79 1.06
CA TYR A 513 -16.77 -7.77 1.51
C TYR A 513 -17.68 -8.36 0.42
N ARG A 514 -17.57 -7.87 -0.82
CA ARG A 514 -18.44 -8.30 -1.96
C ARG A 514 -18.18 -9.79 -2.23
N ALA A 515 -16.92 -10.25 -2.14
CA ALA A 515 -16.59 -11.70 -2.33
C ALA A 515 -17.30 -12.51 -1.26
N ALA A 516 -17.24 -12.11 0.01
CA ALA A 516 -17.95 -12.82 1.11
C ALA A 516 -19.49 -12.82 0.88
N GLN A 517 -20.07 -11.69 0.49
CA GLN A 517 -21.53 -11.59 0.18
C GLN A 517 -21.84 -12.62 -0.93
N ASP A 518 -20.94 -12.75 -1.91
CA ASP A 518 -21.21 -13.61 -3.11
C ASP A 518 -21.18 -15.08 -2.66
N MET A 519 -20.21 -15.44 -1.84
CA MET A 519 -20.10 -16.78 -1.21
C MET A 519 -21.32 -17.11 -0.35
N ALA A 520 -21.95 -16.12 0.30
CA ALA A 520 -23.08 -16.33 1.22
C ALA A 520 -24.38 -16.61 0.45
N LYS A 521 -24.43 -16.29 -0.83
CA LYS A 521 -25.54 -16.66 -1.76
C LYS A 521 -25.47 -18.15 -2.06
#